data_5W91
#
_entry.id   5W91
#
_cell.length_a   47.908
_cell.length_b   73.230
_cell.length_c   65.709
_cell.angle_alpha   90.000
_cell.angle_beta   98.740
_cell.angle_gamma   90.000
#
_symmetry.space_group_name_H-M   'P 1 21 1'
#
loop_
_entity.id
_entity.type
_entity.pdbx_description
1 polymer 'Calmodulin-domain protein kinase 1'
2 non-polymer 1-tert-butyl-N~3~-(3-chlorophenyl)-1H-pyrazolo[3,4-d]pyrimidine-3,4-diamine
3 non-polymer 'CALCIUM ION'
4 water water
#
_entity_poly.entity_id   1
_entity_poly.type   'polypeptide(L)'
_entity_poly.pdbx_seq_one_letter_code
;GPGSMMDHLHATPGMFVQHSTAIFSDRYKGQRVLGKGSFGEVILCKDKITGQECAVKVISKRQVKQKTDKESLLREVQLL
KQLDHPNIMKLYEFFEDKGYFYLVGEVYTGGELFDEIISRKRFSEVDAARIIRQVLSGITYMHKNKIVHRDLKPENLLLE
SKSKDANIRIIDFGLSTHFEASKKMKDKIGTAYYIAPEVLHGTYDEKCDVWSTGVILYILLSGCPPFNGANEYDILKKVE
KGKYTFELPQWKKVSESAKDLIRKMLTYVPSMRISARDALDHEWIQTYTKEQISVDVPSLDNAILNIRQFQGTQKLAQAA
LLYMGSKLTSQDETKELTAIFHKMDKNGDGQLDRAELIEGYKELMRMKGQDASMLDASAVEHEVDQVLDAVDFDKNGYIE
YSEFVTVAMDRKTLLSRERLERAFRMFDSDNSGKISSTELATIFGVSDVDSETWKSVLSEVDKNNDGEVDFDEFQQMLLK
LCGN
;
_entity_poly.pdbx_strand_id   A
#
# COMPACT_ATOMS: atom_id res chain seq x y z
N SER A 20 -15.14 -24.34 -8.04
N SER A 20 -15.41 -24.65 -7.41
CA SER A 20 -15.74 -23.65 -6.90
CA SER A 20 -15.74 -23.46 -6.63
C SER A 20 -17.20 -23.27 -7.20
C SER A 20 -17.18 -23.02 -6.93
N THR A 21 -18.15 -23.76 -6.37
CA THR A 21 -19.60 -23.49 -6.56
C THR A 21 -20.09 -22.64 -5.36
N ALA A 22 -19.65 -21.37 -5.32
CA ALA A 22 -20.00 -20.37 -4.29
C ALA A 22 -19.58 -18.99 -4.81
N ILE A 23 -20.54 -18.07 -4.99
CA ILE A 23 -20.29 -16.75 -5.57
C ILE A 23 -20.14 -15.69 -4.48
N PHE A 24 -19.18 -14.79 -4.67
CA PHE A 24 -18.87 -13.73 -3.71
C PHE A 24 -19.99 -12.67 -3.64
N SER A 25 -20.44 -12.16 -4.80
CA SER A 25 -21.47 -11.12 -4.92
C SER A 25 -22.85 -11.57 -4.37
N ASP A 26 -23.10 -12.88 -4.34
CA ASP A 26 -24.34 -13.42 -3.80
C ASP A 26 -24.36 -13.29 -2.26
N ARG A 27 -23.19 -13.27 -1.59
CA ARG A 27 -23.11 -13.16 -0.14
C ARG A 27 -22.78 -11.74 0.34
N TYR A 28 -21.90 -11.03 -0.37
CA TYR A 28 -21.45 -9.69 0.01
C TYR A 28 -21.81 -8.64 -1.01
N LYS A 29 -21.89 -7.39 -0.56
CA LYS A 29 -22.13 -6.20 -1.39
C LYS A 29 -21.07 -5.15 -1.04
N GLY A 30 -20.50 -4.51 -2.06
CA GLY A 30 -19.48 -3.48 -1.86
C GLY A 30 -20.11 -2.20 -1.32
N GLN A 31 -19.46 -1.58 -0.32
CA GLN A 31 -19.95 -0.35 0.30
C GLN A 31 -19.07 0.84 -0.06
N ARG A 32 -17.76 0.69 0.08
CA ARG A 32 -16.79 1.76 -0.17
C ARG A 32 -15.39 1.18 -0.41
N VAL A 33 -14.55 1.91 -1.16
CA VAL A 33 -13.18 1.47 -1.40
C VAL A 33 -12.37 1.93 -0.21
N LEU A 34 -11.61 1.01 0.41
CA LEU A 34 -10.78 1.32 1.57
C LEU A 34 -9.36 1.74 1.17
N GLY A 35 -8.85 1.22 0.06
CA GLY A 35 -7.51 1.55 -0.42
C GLY A 35 -6.87 0.46 -1.25
N LYS A 36 -5.58 0.65 -1.55
CA LYS A 36 -4.78 -0.28 -2.35
C LYS A 36 -3.80 -0.99 -1.43
N GLY A 37 -3.80 -2.31 -1.51
CA GLY A 37 -2.90 -3.18 -0.75
C GLY A 37 -2.08 -4.02 -1.70
N SER A 38 -1.25 -4.91 -1.16
CA SER A 38 -0.43 -5.80 -1.99
C SER A 38 -1.32 -6.79 -2.74
N PHE A 39 -1.06 -6.96 -4.06
CA PHE A 39 -1.73 -7.86 -5.00
C PHE A 39 -3.18 -7.44 -5.38
N GLY A 40 -3.72 -6.38 -4.81
CA GLY A 40 -5.07 -5.95 -5.19
C GLY A 40 -5.69 -4.85 -4.34
N GLU A 41 -6.89 -4.41 -4.75
CA GLU A 41 -7.66 -3.36 -4.05
C GLU A 41 -8.43 -3.96 -2.90
N VAL A 42 -8.59 -3.19 -1.84
CA VAL A 42 -9.31 -3.60 -0.64
C VAL A 42 -10.63 -2.80 -0.58
N ILE A 43 -11.76 -3.53 -0.55
CA ILE A 43 -13.11 -2.97 -0.53
C ILE A 43 -13.79 -3.23 0.81
N LEU A 44 -14.54 -2.25 1.32
CA LEU A 44 -15.36 -2.43 2.52
C LEU A 44 -16.63 -3.12 2.00
N CYS A 45 -16.96 -4.28 2.55
CA CYS A 45 -18.10 -5.08 2.14
C CYS A 45 -18.97 -5.39 3.32
N LYS A 46 -20.21 -5.81 3.04
CA LYS A 46 -21.19 -6.13 4.07
C LYS A 46 -21.93 -7.41 3.69
N ASP A 47 -22.10 -8.34 4.65
CA ASP A 47 -22.84 -9.58 4.42
C ASP A 47 -24.31 -9.20 4.17
N LYS A 48 -24.90 -9.72 3.09
CA LYS A 48 -26.28 -9.41 2.71
C LYS A 48 -27.32 -9.98 3.68
N ILE A 49 -26.97 -10.92 4.57
CA ILE A 49 -27.92 -11.49 5.53
C ILE A 49 -27.69 -10.91 6.92
N THR A 50 -26.49 -11.13 7.46
CA THR A 50 -26.16 -10.76 8.84
C THR A 50 -25.72 -9.30 9.01
N GLY A 51 -25.37 -8.61 7.92
CA GLY A 51 -24.95 -7.22 7.99
C GLY A 51 -23.55 -6.98 8.53
N GLN A 52 -22.73 -8.04 8.71
CA GLN A 52 -21.39 -7.92 9.26
C GLN A 52 -20.47 -7.27 8.24
N GLU A 53 -19.78 -6.20 8.66
CA GLU A 53 -18.84 -5.49 7.78
C GLU A 53 -17.55 -6.27 7.68
N CYS A 54 -16.94 -6.30 6.49
CA CYS A 54 -15.69 -7.02 6.27
CA CYS A 54 -15.70 -7.06 6.21
C CYS A 54 -14.83 -6.32 5.21
N ALA A 55 -13.51 -6.48 5.31
CA ALA A 55 -12.57 -5.91 4.35
C ALA A 55 -12.30 -7.06 3.37
N VAL A 56 -12.44 -6.82 2.07
CA VAL A 56 -12.20 -7.85 1.05
C VAL A 56 -11.10 -7.40 0.12
N LYS A 57 -10.06 -8.23 -0.05
CA LYS A 57 -8.98 -7.95 -1.00
C LYS A 57 -9.31 -8.70 -2.29
N VAL A 58 -9.45 -7.97 -3.41
CA VAL A 58 -9.77 -8.53 -4.72
C VAL A 58 -8.47 -8.62 -5.51
N ILE A 59 -8.04 -9.85 -5.84
CA ILE A 59 -6.79 -10.09 -6.58
C ILE A 59 -7.13 -10.52 -8.01
N SER A 60 -6.80 -9.69 -9.00
CA SER A 60 -7.03 -10.00 -10.41
C SER A 60 -6.05 -11.07 -10.88
N LYS A 61 -6.58 -12.19 -11.41
CA LYS A 61 -5.75 -13.30 -11.94
C LYS A 61 -4.94 -12.87 -13.17
N ARG A 62 -5.44 -11.89 -13.94
CA ARG A 62 -4.75 -11.40 -15.14
C ARG A 62 -3.53 -10.58 -14.75
N GLN A 63 -3.68 -9.68 -13.77
CA GLN A 63 -2.59 -8.80 -13.32
C GLN A 63 -1.65 -9.44 -12.29
N VAL A 64 -1.99 -10.60 -11.69
CA VAL A 64 -1.14 -11.24 -10.66
C VAL A 64 -0.98 -12.73 -10.95
N LYS A 65 0.29 -13.19 -11.02
CA LYS A 65 0.62 -14.59 -11.28
C LYS A 65 0.72 -15.39 -9.96
N GLN A 66 0.29 -16.66 -10.00
CA GLN A 66 0.38 -17.58 -8.88
C GLN A 66 1.73 -18.30 -8.89
N LYS A 67 2.39 -18.36 -7.73
CA LYS A 67 3.67 -19.04 -7.58
C LYS A 67 3.49 -20.55 -7.37
N THR A 68 2.31 -20.95 -6.89
CA THR A 68 1.97 -22.34 -6.58
C THR A 68 0.71 -22.78 -7.34
N ASP A 69 0.29 -24.04 -7.10
CA ASP A 69 -0.91 -24.62 -7.72
C ASP A 69 -2.16 -24.23 -6.89
N LYS A 70 -3.37 -24.59 -7.41
CA LYS A 70 -4.65 -24.32 -6.75
C LYS A 70 -4.76 -25.10 -5.44
N GLU A 71 -4.29 -26.37 -5.41
CA GLU A 71 -4.32 -27.21 -4.20
C GLU A 71 -3.46 -26.63 -3.05
N SER A 72 -2.31 -26.02 -3.38
CA SER A 72 -1.43 -25.42 -2.35
C SER A 72 -2.07 -24.16 -1.76
N LEU A 73 -2.72 -23.32 -2.60
CA LEU A 73 -3.38 -22.10 -2.15
C LEU A 73 -4.59 -22.41 -1.26
N LEU A 74 -5.44 -23.36 -1.70
CA LEU A 74 -6.64 -23.76 -0.95
C LEU A 74 -6.30 -24.35 0.43
N ARG A 75 -5.17 -25.06 0.56
CA ARG A 75 -4.76 -25.65 1.83
C ARG A 75 -4.21 -24.58 2.79
N GLU A 76 -3.48 -23.56 2.26
CA GLU A 76 -2.96 -22.47 3.12
C GLU A 76 -4.13 -21.59 3.61
N VAL A 77 -5.09 -21.31 2.73
CA VAL A 77 -6.27 -20.51 3.07
C VAL A 77 -7.05 -21.18 4.18
N GLN A 78 -7.24 -22.50 4.07
CA GLN A 78 -7.93 -23.33 5.07
C GLN A 78 -7.22 -23.23 6.44
N LEU A 79 -5.88 -23.29 6.42
CA LEU A 79 -5.08 -23.16 7.64
C LEU A 79 -5.27 -21.76 8.19
N LEU A 80 -4.96 -20.72 7.37
CA LEU A 80 -5.10 -19.30 7.72
C LEU A 80 -6.49 -18.97 8.33
N LYS A 81 -7.58 -19.55 7.83
CA LYS A 81 -8.92 -19.32 8.37
C LYS A 81 -9.07 -19.84 9.81
N GLN A 82 -8.38 -20.94 10.17
CA GLN A 82 -8.46 -21.53 11.50
C GLN A 82 -7.51 -20.86 12.51
N LEU A 83 -6.52 -20.06 12.02
CA LEU A 83 -5.56 -19.43 12.90
C LEU A 83 -6.15 -18.20 13.58
N ASP A 84 -5.66 -17.90 14.80
CA ASP A 84 -6.14 -16.79 15.59
C ASP A 84 -5.07 -16.24 16.53
N HIS A 85 -4.77 -14.94 16.39
CA HIS A 85 -3.83 -14.24 17.26
C HIS A 85 -4.26 -12.77 17.31
N PRO A 86 -4.21 -12.09 18.48
CA PRO A 86 -4.65 -10.68 18.54
C PRO A 86 -3.82 -9.69 17.68
N ASN A 87 -2.59 -10.05 17.24
CA ASN A 87 -1.79 -9.12 16.40
C ASN A 87 -1.69 -9.58 14.95
N ILE A 88 -2.61 -10.46 14.52
CA ILE A 88 -2.67 -10.96 13.17
C ILE A 88 -4.08 -10.75 12.67
N MET A 89 -4.22 -10.33 11.41
CA MET A 89 -5.54 -10.12 10.82
C MET A 89 -6.31 -11.43 10.73
N LYS A 90 -7.61 -11.38 11.04
CA LYS A 90 -8.50 -12.53 10.95
C LYS A 90 -9.03 -12.65 9.52
N LEU A 91 -8.84 -13.83 8.90
CA LEU A 91 -9.35 -14.18 7.58
C LEU A 91 -10.63 -14.99 7.83
N TYR A 92 -11.73 -14.64 7.16
CA TYR A 92 -13.03 -15.28 7.33
C TYR A 92 -13.35 -16.22 6.19
N GLU A 93 -13.26 -15.71 4.95
CA GLU A 93 -13.64 -16.49 3.76
C GLU A 93 -12.67 -16.27 2.62
N PHE A 94 -12.81 -17.11 1.59
CA PHE A 94 -12.04 -17.05 0.37
C PHE A 94 -12.92 -17.51 -0.80
N PHE A 95 -12.96 -16.71 -1.87
CA PHE A 95 -13.73 -17.04 -3.08
C PHE A 95 -12.84 -16.91 -4.30
N GLU A 96 -13.24 -17.57 -5.38
CA GLU A 96 -12.49 -17.57 -6.61
C GLU A 96 -13.44 -17.75 -7.78
N ASP A 97 -13.47 -16.78 -8.71
CA ASP A 97 -14.27 -16.90 -9.93
C ASP A 97 -13.26 -17.01 -11.11
N LYS A 98 -13.75 -17.03 -12.36
CA LYS A 98 -12.89 -17.18 -13.55
C LYS A 98 -11.70 -16.21 -13.59
N GLY A 99 -11.88 -14.96 -13.16
CA GLY A 99 -10.83 -13.94 -13.20
C GLY A 99 -10.35 -13.30 -11.90
N TYR A 100 -10.88 -13.68 -10.73
CA TYR A 100 -10.49 -13.05 -9.45
C TYR A 100 -10.47 -13.99 -8.27
N PHE A 101 -9.67 -13.62 -7.24
CA PHE A 101 -9.63 -14.25 -5.92
C PHE A 101 -10.16 -13.20 -4.98
N TYR A 102 -10.97 -13.59 -4.00
CA TYR A 102 -11.54 -12.67 -3.02
C TYR A 102 -11.15 -13.17 -1.64
N LEU A 103 -10.33 -12.42 -0.92
CA LEU A 103 -9.91 -12.76 0.42
C LEU A 103 -10.76 -11.91 1.34
N VAL A 104 -11.64 -12.54 2.11
CA VAL A 104 -12.55 -11.82 3.00
C VAL A 104 -12.06 -11.98 4.44
N GLY A 105 -11.84 -10.86 5.11
CA GLY A 105 -11.40 -10.86 6.50
C GLY A 105 -11.88 -9.65 7.27
N GLU A 106 -11.37 -9.52 8.49
CA GLU A 106 -11.78 -8.47 9.40
C GLU A 106 -11.25 -7.10 8.95
N VAL A 107 -12.10 -6.06 9.14
CA VAL A 107 -11.79 -4.68 8.76
C VAL A 107 -11.28 -3.94 9.99
N TYR A 108 -10.18 -3.18 9.83
CA TYR A 108 -9.59 -2.37 10.88
C TYR A 108 -9.69 -0.90 10.46
N THR A 109 -10.04 -0.03 11.42
CA THR A 109 -10.32 1.38 11.18
C THR A 109 -9.30 2.37 11.80
N GLY A 110 -8.31 1.88 12.53
CA GLY A 110 -7.29 2.73 13.14
C GLY A 110 -6.20 3.24 12.21
N GLY A 111 -6.18 2.76 10.97
CA GLY A 111 -5.20 3.18 9.96
C GLY A 111 -3.83 2.57 10.14
N GLU A 112 -2.86 3.06 9.36
CA GLU A 112 -1.48 2.58 9.41
C GLU A 112 -0.79 3.10 10.68
N LEU A 113 0.11 2.29 11.25
CA LEU A 113 0.86 2.60 12.47
C LEU A 113 1.66 3.92 12.38
N PHE A 114 2.38 4.14 11.27
CA PHE A 114 3.23 5.34 11.11
C PHE A 114 2.36 6.60 10.97
N ASP A 115 1.14 6.50 10.37
CA ASP A 115 0.23 7.67 10.28
C ASP A 115 -0.22 8.12 11.70
N GLU A 116 -0.27 7.20 12.68
CA GLU A 116 -0.63 7.51 14.06
C GLU A 116 0.57 8.09 14.83
N ILE A 117 1.79 7.61 14.53
CA ILE A 117 3.01 8.08 15.21
C ILE A 117 3.31 9.55 14.82
N ILE A 118 3.06 9.93 13.56
CA ILE A 118 3.33 11.30 13.11
C ILE A 118 2.33 12.31 13.73
N SER A 119 1.12 11.85 14.15
CA SER A 119 0.10 12.72 14.73
C SER A 119 0.42 13.11 16.18
N ARG A 120 0.90 12.15 16.99
CA ARG A 120 1.20 12.40 18.40
C ARG A 120 2.51 13.24 18.54
N LYS A 121 2.59 14.02 19.64
CA LYS A 121 3.71 14.92 19.91
C LYS A 121 4.85 14.24 20.69
N ARG A 122 4.53 13.23 21.52
CA ARG A 122 5.49 12.49 22.35
C ARG A 122 5.63 11.02 21.91
N PHE A 123 6.87 10.54 21.70
CA PHE A 123 7.16 9.15 21.31
C PHE A 123 8.48 8.72 21.96
N SER A 124 8.49 7.60 22.69
CA SER A 124 9.69 7.13 23.39
C SER A 124 9.94 5.63 23.13
N GLU A 125 11.03 5.09 23.73
CA GLU A 125 11.40 3.68 23.65
C GLU A 125 10.31 2.77 24.26
N VAL A 126 9.53 3.27 25.25
CA VAL A 126 8.45 2.51 25.88
C VAL A 126 7.35 2.27 24.83
N ASP A 127 7.08 3.28 23.97
CA ASP A 127 6.09 3.16 22.89
C ASP A 127 6.60 2.22 21.81
N ALA A 128 7.89 2.37 21.41
CA ALA A 128 8.53 1.53 20.39
C ALA A 128 8.61 0.08 20.85
N ALA A 129 8.95 -0.17 22.14
CA ALA A 129 9.01 -1.52 22.70
C ALA A 129 7.64 -2.18 22.71
N ARG A 130 6.58 -1.41 23.03
CA ARG A 130 5.21 -1.90 23.06
C ARG A 130 4.71 -2.20 21.63
N ILE A 131 5.19 -1.43 20.64
CA ILE A 131 4.87 -1.65 19.23
C ILE A 131 5.50 -2.97 18.76
N ILE A 132 6.82 -3.09 18.91
CA ILE A 132 7.59 -4.23 18.42
C ILE A 132 7.23 -5.52 19.19
N ARG A 133 6.85 -5.46 20.49
CA ARG A 133 6.46 -6.66 21.23
C ARG A 133 5.20 -7.28 20.58
N GLN A 134 4.22 -6.43 20.20
CA GLN A 134 3.01 -6.86 19.51
C GLN A 134 3.35 -7.50 18.16
N VAL A 135 4.22 -6.83 17.40
CA VAL A 135 4.63 -7.31 16.07
C VAL A 135 5.34 -8.66 16.21
N LEU A 136 6.21 -8.80 17.23
CA LEU A 136 6.96 -10.04 17.46
C LEU A 136 6.05 -11.17 17.94
N SER A 137 4.99 -10.86 18.74
CA SER A 137 4.03 -11.87 19.20
C SER A 137 3.29 -12.47 18.01
N GLY A 138 2.87 -11.61 17.09
CA GLY A 138 2.20 -12.03 15.85
C GLY A 138 3.12 -12.86 14.99
N ILE A 139 4.37 -12.40 14.80
CA ILE A 139 5.35 -13.12 13.96
C ILE A 139 5.68 -14.47 14.61
N THR A 140 5.93 -14.49 15.93
CA THR A 140 6.27 -15.73 16.65
C THR A 140 5.15 -16.76 16.46
N TYR A 141 3.90 -16.34 16.66
CA TYR A 141 2.73 -17.18 16.48
C TYR A 141 2.63 -17.73 15.06
N MET A 142 2.83 -16.88 14.04
CA MET A 142 2.75 -17.31 12.63
C MET A 142 3.91 -18.21 12.22
N HIS A 143 5.09 -18.06 12.86
CA HIS A 143 6.25 -18.89 12.55
C HIS A 143 6.07 -20.31 13.13
N LYS A 144 5.46 -20.42 14.33
CA LYS A 144 5.14 -21.73 14.91
C LYS A 144 4.19 -22.52 13.99
N ASN A 145 3.33 -21.81 13.22
CA ASN A 145 2.41 -22.44 12.25
C ASN A 145 3.03 -22.50 10.83
N LYS A 146 4.36 -22.33 10.70
CA LYS A 146 5.14 -22.46 9.46
C LYS A 146 4.66 -21.51 8.34
N ILE A 147 4.23 -20.29 8.70
CA ILE A 147 3.76 -19.28 7.76
C ILE A 147 4.74 -18.10 7.82
N VAL A 148 5.30 -17.69 6.67
CA VAL A 148 6.25 -16.57 6.56
C VAL A 148 5.55 -15.40 5.85
N HIS A 149 5.90 -14.15 6.24
CA HIS A 149 5.36 -12.95 5.60
C HIS A 149 6.21 -12.57 4.38
N ARG A 150 7.51 -12.28 4.57
CA ARG A 150 8.47 -11.90 3.51
C ARG A 150 8.44 -10.40 3.18
N ASP A 151 7.26 -9.78 3.15
CA ASP A 151 7.09 -8.39 2.78
C ASP A 151 6.58 -7.56 3.95
N LEU A 152 7.07 -7.84 5.17
CA LEU A 152 6.66 -7.09 6.33
C LEU A 152 7.25 -5.68 6.23
N LYS A 153 6.40 -4.67 6.35
CA LYS A 153 6.77 -3.26 6.27
C LYS A 153 5.73 -2.45 7.07
N PRO A 154 5.97 -1.16 7.37
CA PRO A 154 5.00 -0.37 8.18
C PRO A 154 3.58 -0.30 7.63
N GLU A 155 3.39 -0.31 6.29
CA GLU A 155 2.06 -0.25 5.67
C GLU A 155 1.20 -1.49 6.02
N ASN A 156 1.87 -2.63 6.36
CA ASN A 156 1.21 -3.86 6.74
C ASN A 156 0.89 -3.91 8.23
N LEU A 157 1.21 -2.84 9.00
CA LEU A 157 0.92 -2.77 10.42
C LEU A 157 -0.26 -1.80 10.58
N LEU A 158 -1.47 -2.34 10.77
CA LEU A 158 -2.69 -1.53 10.93
C LEU A 158 -3.12 -1.53 12.36
N LEU A 159 -3.77 -0.45 12.78
CA LEU A 159 -4.27 -0.33 14.14
C LEU A 159 -5.72 -0.75 14.12
N GLU A 160 -6.11 -1.62 15.09
CA GLU A 160 -7.46 -2.23 15.17
C GLU A 160 -8.58 -1.18 15.18
N SER A 161 -8.38 -0.08 15.93
CA SER A 161 -9.36 0.99 16.03
C SER A 161 -8.68 2.35 16.25
N LYS A 162 -9.47 3.44 16.22
CA LYS A 162 -9.01 4.81 16.47
C LYS A 162 -9.11 5.03 17.98
N SER A 163 -8.24 4.35 18.74
CA SER A 163 -8.22 4.37 20.22
C SER A 163 -6.78 4.48 20.76
N LYS A 164 -6.65 4.78 22.06
CA LYS A 164 -5.35 4.91 22.71
C LYS A 164 -4.69 3.53 22.88
N ASP A 165 -5.47 2.53 23.34
CA ASP A 165 -5.01 1.15 23.55
C ASP A 165 -5.24 0.26 22.29
N ALA A 166 -5.18 0.84 21.07
CA ALA A 166 -5.41 0.11 19.82
C ALA A 166 -4.30 -0.89 19.53
N ASN A 167 -4.64 -2.18 19.47
CA ASN A 167 -3.65 -3.21 19.12
C ASN A 167 -3.24 -3.08 17.65
N ILE A 168 -2.06 -3.61 17.33
CA ILE A 168 -1.53 -3.63 15.97
C ILE A 168 -1.92 -4.97 15.36
N ARG A 169 -2.46 -4.95 14.15
CA ARG A 169 -2.83 -6.14 13.38
C ARG A 169 -1.94 -6.20 12.15
N ILE A 170 -1.17 -7.29 11.98
CA ILE A 170 -0.31 -7.48 10.81
C ILE A 170 -1.22 -8.01 9.71
N ILE A 171 -1.12 -7.46 8.50
CA ILE A 171 -1.92 -7.89 7.34
C ILE A 171 -1.01 -8.51 6.28
N ASP A 172 -1.63 -9.34 5.41
CA ASP A 172 -1.04 -10.03 4.25
C ASP A 172 -0.04 -11.16 4.61
N PHE A 173 -0.19 -11.79 5.79
CA PHE A 173 0.69 -12.93 6.12
C PHE A 173 0.35 -14.09 5.18
N GLY A 174 1.39 -14.69 4.59
CA GLY A 174 1.28 -15.83 3.71
C GLY A 174 0.98 -15.58 2.25
N LEU A 175 0.63 -14.34 1.85
CA LEU A 175 0.27 -14.05 0.45
C LEU A 175 1.47 -14.12 -0.51
N SER A 176 2.67 -13.70 -0.07
CA SER A 176 3.88 -13.70 -0.91
C SER A 176 4.36 -15.12 -1.27
N THR A 177 3.95 -16.15 -0.50
CA THR A 177 4.29 -17.52 -0.80
C THR A 177 3.52 -18.01 -2.04
N HIS A 178 2.32 -17.46 -2.27
CA HIS A 178 1.42 -17.89 -3.33
C HIS A 178 1.27 -16.89 -4.47
N PHE A 179 1.64 -15.61 -4.29
CA PHE A 179 1.45 -14.60 -5.34
C PHE A 179 2.77 -13.92 -5.67
N GLU A 180 3.06 -13.80 -6.97
CA GLU A 180 4.29 -13.20 -7.47
C GLU A 180 4.27 -11.68 -7.29
N ALA A 181 5.37 -11.13 -6.75
CA ALA A 181 5.55 -9.70 -6.50
C ALA A 181 5.46 -8.88 -7.81
N SER A 182 4.87 -7.69 -7.73
CA SER A 182 4.75 -6.81 -8.89
C SER A 182 6.11 -6.19 -9.23
N LYS A 183 6.36 -6.00 -10.54
CA LYS A 183 7.58 -5.35 -11.04
C LYS A 183 7.31 -3.84 -11.28
N LYS A 184 6.04 -3.40 -11.21
CA LYS A 184 5.65 -2.00 -11.41
C LYS A 184 6.04 -1.16 -10.17
N MET A 185 6.66 0.01 -10.39
CA MET A 185 7.14 0.87 -9.30
C MET A 185 5.98 1.41 -8.42
N LYS A 186 4.79 1.57 -8.99
CA LYS A 186 3.62 2.02 -8.21
C LYS A 186 3.22 0.97 -7.13
N ASP A 187 3.68 -0.29 -7.28
CA ASP A 187 3.44 -1.38 -6.34
C ASP A 187 4.71 -1.72 -5.50
N LYS A 188 5.93 -1.49 -6.06
CA LYS A 188 7.20 -1.74 -5.35
C LYS A 188 7.63 -0.59 -4.41
N ILE A 189 6.97 0.57 -4.47
CA ILE A 189 7.38 1.74 -3.67
C ILE A 189 7.39 1.42 -2.13
N GLY A 190 8.50 1.80 -1.50
CA GLY A 190 8.75 1.61 -0.08
C GLY A 190 9.06 0.21 0.41
N THR A 191 9.38 -0.74 -0.49
CA THR A 191 9.62 -2.13 -0.09
C THR A 191 11.12 -2.46 0.08
N ALA A 192 12.02 -1.83 -0.71
CA ALA A 192 13.46 -2.07 -0.69
C ALA A 192 14.12 -1.82 0.68
N TYR A 193 13.54 -0.92 1.51
CA TYR A 193 14.10 -0.62 2.83
C TYR A 193 14.03 -1.79 3.80
N TYR A 194 12.96 -2.60 3.73
CA TYR A 194 12.64 -3.64 4.70
C TYR A 194 12.93 -5.08 4.24
N ILE A 195 13.22 -5.29 2.96
CA ILE A 195 13.45 -6.63 2.40
C ILE A 195 14.80 -7.18 2.90
N ALA A 196 14.81 -8.45 3.34
CA ALA A 196 16.03 -9.11 3.85
C ALA A 196 16.98 -9.47 2.70
N PRO A 197 18.31 -9.45 2.93
CA PRO A 197 19.25 -9.77 1.84
C PRO A 197 19.07 -11.15 1.22
N GLU A 198 18.75 -12.15 2.05
CA GLU A 198 18.55 -13.54 1.58
C GLU A 198 17.33 -13.64 0.65
N VAL A 199 16.32 -12.76 0.81
CA VAL A 199 15.14 -12.76 -0.06
C VAL A 199 15.54 -12.29 -1.49
N LEU A 200 16.52 -11.38 -1.59
CA LEU A 200 17.00 -10.88 -2.88
C LEU A 200 17.77 -11.97 -3.64
N HIS A 201 18.42 -12.87 -2.92
CA HIS A 201 19.22 -13.94 -3.50
C HIS A 201 18.49 -15.29 -3.63
N GLY A 202 17.26 -15.41 -3.13
CA GLY A 202 16.43 -16.60 -3.34
C GLY A 202 16.34 -17.65 -2.24
N THR A 203 17.36 -17.77 -1.38
CA THR A 203 17.33 -18.76 -0.29
C THR A 203 16.92 -18.04 0.96
N TYR A 204 15.67 -18.23 1.41
CA TYR A 204 15.22 -17.58 2.62
C TYR A 204 14.21 -18.47 3.35
N ASP A 205 14.03 -18.16 4.63
CA ASP A 205 13.13 -18.85 5.55
C ASP A 205 12.44 -17.78 6.43
N GLU A 206 11.78 -18.19 7.51
CA GLU A 206 11.06 -17.32 8.45
C GLU A 206 11.94 -16.19 9.04
N LYS A 207 13.28 -16.37 9.14
CA LYS A 207 14.17 -15.34 9.69
C LYS A 207 14.15 -14.01 8.90
N CYS A 208 13.63 -13.99 7.66
CA CYS A 208 13.56 -12.75 6.88
C CYS A 208 12.59 -11.75 7.56
N ASP A 209 11.56 -12.25 8.28
CA ASP A 209 10.61 -11.41 9.00
C ASP A 209 11.22 -10.76 10.25
N VAL A 210 12.27 -11.36 10.83
CA VAL A 210 12.95 -10.76 11.98
C VAL A 210 13.80 -9.57 11.46
N TRP A 211 14.45 -9.72 10.29
CA TRP A 211 15.25 -8.66 9.69
C TRP A 211 14.37 -7.43 9.44
N SER A 212 13.21 -7.65 8.78
CA SER A 212 12.23 -6.62 8.44
C SER A 212 11.75 -5.86 9.69
N THR A 213 11.49 -6.59 10.79
CA THR A 213 11.06 -6.01 12.06
C THR A 213 12.20 -5.19 12.62
N GLY A 214 13.43 -5.70 12.50
CA GLY A 214 14.63 -4.99 12.93
C GLY A 214 14.79 -3.65 12.24
N VAL A 215 14.49 -3.60 10.92
CA VAL A 215 14.55 -2.37 10.12
C VAL A 215 13.46 -1.40 10.63
N ILE A 216 12.25 -1.91 10.88
CA ILE A 216 11.13 -1.10 11.39
C ILE A 216 11.51 -0.52 12.77
N LEU A 217 12.12 -1.33 13.64
CA LEU A 217 12.59 -0.88 14.94
C LEU A 217 13.64 0.24 14.79
N TYR A 218 14.58 0.10 13.83
CA TYR A 218 15.59 1.12 13.56
C TYR A 218 14.91 2.45 13.16
N ILE A 219 13.87 2.41 12.31
CA ILE A 219 13.15 3.60 11.88
C ILE A 219 12.30 4.18 13.04
N LEU A 220 11.70 3.34 13.90
CA LEU A 220 10.91 3.86 15.04
C LEU A 220 11.76 4.70 16.01
N LEU A 221 13.01 4.28 16.28
CA LEU A 221 13.89 4.93 17.24
C LEU A 221 14.73 6.11 16.65
N SER A 222 14.97 6.16 15.32
CA SER A 222 15.77 7.23 14.69
C SER A 222 14.99 8.06 13.62
N GLY A 223 14.03 7.44 12.96
CA GLY A 223 13.25 8.07 11.90
C GLY A 223 13.88 8.03 10.52
N CYS A 224 15.01 7.30 10.38
CA CYS A 224 15.73 7.17 9.11
C CYS A 224 15.94 5.70 8.79
N PRO A 225 15.69 5.22 7.56
CA PRO A 225 16.01 3.82 7.22
C PRO A 225 17.52 3.50 7.41
N PRO A 226 17.85 2.29 7.92
CA PRO A 226 19.28 1.94 8.08
C PRO A 226 20.00 1.74 6.74
N PHE A 227 19.29 1.25 5.73
CA PHE A 227 19.82 1.08 4.38
C PHE A 227 19.05 2.06 3.54
N ASN A 228 19.67 3.19 3.19
CA ASN A 228 18.99 4.26 2.45
C ASN A 228 19.74 4.57 1.14
N GLY A 229 19.07 5.26 0.23
CA GLY A 229 19.63 5.60 -1.07
C GLY A 229 18.73 6.49 -1.92
N ALA A 230 19.32 7.12 -2.93
CA ALA A 230 18.61 8.03 -3.84
C ALA A 230 17.68 7.31 -4.85
N ASN A 231 17.69 5.96 -4.89
CA ASN A 231 16.83 5.17 -5.77
C ASN A 231 16.75 3.72 -5.28
N GLU A 232 15.84 2.93 -5.85
CA GLU A 232 15.59 1.55 -5.45
C GLU A 232 16.85 0.70 -5.53
N TYR A 233 17.59 0.76 -6.64
CA TYR A 233 18.81 -0.05 -6.80
C TYR A 233 19.89 0.35 -5.78
N ASP A 234 20.02 1.65 -5.44
CA ASP A 234 20.98 2.09 -4.43
C ASP A 234 20.62 1.58 -3.03
N ILE A 235 19.33 1.47 -2.73
CA ILE A 235 18.86 0.95 -1.43
C ILE A 235 19.15 -0.55 -1.36
N LEU A 236 18.83 -1.28 -2.43
CA LEU A 236 19.05 -2.73 -2.50
C LEU A 236 20.53 -3.08 -2.43
N LYS A 237 21.41 -2.22 -3.00
CA LYS A 237 22.86 -2.43 -2.95
C LYS A 237 23.35 -2.37 -1.49
N LYS A 238 22.80 -1.43 -0.71
CA LYS A 238 23.13 -1.25 0.72
C LYS A 238 22.64 -2.44 1.55
N VAL A 239 21.44 -2.92 1.26
CA VAL A 239 20.80 -4.05 1.95
C VAL A 239 21.65 -5.29 1.77
N GLU A 240 22.00 -5.55 0.52
CA GLU A 240 22.78 -6.69 0.08
C GLU A 240 24.18 -6.67 0.72
N LYS A 241 24.81 -5.50 0.85
CA LYS A 241 26.10 -5.37 1.56
C LYS A 241 25.87 -5.63 3.06
N GLY A 242 24.72 -5.18 3.56
CA GLY A 242 24.28 -5.42 4.93
C GLY A 242 24.90 -4.55 6.00
N LYS A 243 25.68 -3.53 5.61
CA LYS A 243 26.36 -2.64 6.54
C LYS A 243 25.51 -1.41 6.87
N TYR A 244 25.47 -1.05 8.14
CA TYR A 244 24.72 0.10 8.65
C TYR A 244 25.41 0.61 9.91
N THR A 245 25.14 1.85 10.31
CA THR A 245 25.75 2.45 11.49
C THR A 245 24.70 3.05 12.41
N PHE A 246 25.12 3.46 13.61
CA PHE A 246 24.31 4.17 14.61
C PHE A 246 24.99 5.55 14.79
N GLU A 247 25.54 6.12 13.69
CA GLU A 247 26.34 7.36 13.69
C GLU A 247 25.51 8.67 13.61
N LEU A 248 24.17 8.58 13.65
CA LEU A 248 23.32 9.78 13.62
C LEU A 248 23.22 10.33 15.04
N PRO A 249 23.11 11.67 15.22
CA PRO A 249 23.06 12.23 16.59
C PRO A 249 21.89 11.72 17.44
N GLN A 250 20.72 11.45 16.82
CA GLN A 250 19.53 10.93 17.50
C GLN A 250 19.77 9.58 18.25
N TRP A 251 20.77 8.78 17.85
CA TRP A 251 21.06 7.51 18.56
C TRP A 251 21.65 7.73 19.96
N LYS A 252 22.24 8.91 20.25
CA LYS A 252 22.81 9.23 21.58
C LYS A 252 21.75 9.17 22.68
N LYS A 253 20.51 9.59 22.37
CA LYS A 253 19.39 9.58 23.32
C LYS A 253 18.81 8.17 23.57
N VAL A 254 19.10 7.19 22.70
CA VAL A 254 18.55 5.83 22.77
C VAL A 254 19.50 4.90 23.56
N SER A 255 18.90 3.91 24.26
CA SER A 255 19.61 2.94 25.10
C SER A 255 20.48 1.96 24.29
N GLU A 256 21.42 1.31 24.98
CA GLU A 256 22.36 0.34 24.38
C GLU A 256 21.70 -1.04 24.21
N SER A 257 20.70 -1.40 25.04
CA SER A 257 19.99 -2.68 24.86
C SER A 257 19.10 -2.62 23.60
N ALA A 258 18.57 -1.43 23.25
CA ALA A 258 17.79 -1.27 22.01
C ALA A 258 18.73 -1.49 20.81
N LYS A 259 19.95 -0.92 20.87
CA LYS A 259 20.96 -1.06 19.83
C LYS A 259 21.40 -2.52 19.75
N ASP A 260 21.50 -3.23 20.90
CA ASP A 260 21.87 -4.65 20.92
C ASP A 260 20.81 -5.52 20.21
N LEU A 261 19.51 -5.22 20.43
CA LEU A 261 18.45 -5.99 19.81
C LEU A 261 18.51 -5.82 18.29
N ILE A 262 18.64 -4.56 17.80
CA ILE A 262 18.77 -4.26 16.36
C ILE A 262 19.95 -5.03 15.75
N ARG A 263 21.10 -5.09 16.45
CA ARG A 263 22.28 -5.81 15.97
C ARG A 263 21.98 -7.29 15.76
N LYS A 264 21.27 -7.90 16.70
CA LYS A 264 20.89 -9.31 16.63
C LYS A 264 19.82 -9.55 15.55
N MET A 265 18.91 -8.59 15.34
CA MET A 265 17.84 -8.69 14.34
C MET A 265 18.36 -8.41 12.94
N LEU A 266 19.36 -7.51 12.78
CA LEU A 266 19.95 -7.19 11.48
C LEU A 266 21.27 -7.96 11.29
N THR A 267 21.35 -9.20 11.81
CA THR A 267 22.52 -10.07 11.63
C THR A 267 22.35 -10.63 10.21
N TYR A 268 23.41 -10.52 9.39
CA TYR A 268 23.38 -10.86 7.98
C TYR A 268 23.09 -12.35 7.72
N VAL A 269 23.83 -13.27 8.36
CA VAL A 269 23.61 -14.70 8.11
C VAL A 269 22.34 -15.10 8.88
N PRO A 270 21.28 -15.58 8.18
CA PRO A 270 20.01 -15.88 8.85
C PRO A 270 20.11 -16.92 9.96
N SER A 271 20.98 -17.93 9.84
CA SER A 271 21.13 -18.94 10.89
C SER A 271 21.65 -18.31 12.20
N MET A 272 22.49 -17.24 12.11
CA MET A 272 23.07 -16.54 13.28
C MET A 272 22.12 -15.45 13.82
N ARG A 273 21.10 -15.08 13.05
CA ARG A 273 20.13 -14.05 13.43
C ARG A 273 19.19 -14.56 14.51
N ILE A 274 18.74 -13.66 15.38
CA ILE A 274 17.84 -14.01 16.48
C ILE A 274 16.48 -14.41 15.91
N SER A 275 15.77 -15.29 16.62
CA SER A 275 14.44 -15.73 16.23
C SER A 275 13.45 -14.70 16.75
N ALA A 276 12.22 -14.76 16.24
CA ALA A 276 11.15 -13.89 16.70
C ALA A 276 10.86 -14.16 18.18
N ARG A 277 10.91 -15.46 18.58
CA ARG A 277 10.65 -15.90 19.96
C ARG A 277 11.72 -15.37 20.90
N ASP A 278 13.00 -15.64 20.59
CA ASP A 278 14.09 -15.20 21.45
C ASP A 278 14.19 -13.66 21.48
N ALA A 279 13.68 -12.94 20.45
CA ALA A 279 13.63 -11.47 20.48
C ALA A 279 12.65 -10.97 21.55
N LEU A 280 11.53 -11.68 21.78
CA LEU A 280 10.57 -11.33 22.85
C LEU A 280 11.20 -11.40 24.25
N ASP A 281 12.09 -12.38 24.50
CA ASP A 281 12.78 -12.51 25.79
C ASP A 281 13.98 -11.55 25.92
N HIS A 282 14.28 -10.71 24.91
CA HIS A 282 15.41 -9.79 24.98
C HIS A 282 15.21 -8.75 26.09
N GLU A 283 16.30 -8.39 26.78
CA GLU A 283 16.31 -7.44 27.91
C GLU A 283 15.53 -6.14 27.60
N TRP A 284 15.71 -5.56 26.39
CA TRP A 284 15.03 -4.31 26.00
C TRP A 284 13.52 -4.46 25.94
N ILE A 285 13.00 -5.61 25.49
CA ILE A 285 11.55 -5.82 25.41
C ILE A 285 10.99 -5.93 26.84
N GLN A 286 11.54 -6.84 27.63
CA GLN A 286 11.10 -7.09 29.01
C GLN A 286 11.27 -5.84 29.92
N THR A 287 12.33 -5.03 29.72
CA THR A 287 12.57 -3.83 30.53
C THR A 287 11.60 -2.69 30.18
N TYR A 288 11.44 -2.37 28.88
CA TYR A 288 10.62 -1.24 28.43
C TYR A 288 9.11 -1.62 28.22
N THR A 289 8.64 -2.77 28.77
CA THR A 289 7.22 -3.17 28.74
C THR A 289 6.86 -3.76 30.14
N LYS A 290 7.25 -3.04 31.22
CA LYS A 290 7.00 -3.45 32.61
C LYS A 290 6.75 -2.24 33.50
N VAL A 297 12.52 7.96 31.02
CA VAL A 297 12.84 7.65 29.62
C VAL A 297 12.53 8.89 28.77
N PRO A 298 13.50 9.41 27.98
CA PRO A 298 13.23 10.63 27.20
C PRO A 298 12.42 10.40 25.92
N SER A 299 11.73 11.47 25.49
CA SER A 299 10.96 11.46 24.25
C SER A 299 11.94 11.67 23.09
N LEU A 300 11.78 10.89 22.02
CA LEU A 300 12.62 10.95 20.84
C LEU A 300 11.98 11.94 19.87
N ASP A 301 12.23 13.24 20.09
CA ASP A 301 11.66 14.33 19.30
C ASP A 301 12.25 14.39 17.88
N ASN A 302 13.56 14.11 17.73
CA ASN A 302 14.22 14.10 16.42
C ASN A 302 13.69 12.92 15.56
N ALA A 303 13.31 11.79 16.20
CA ALA A 303 12.77 10.63 15.50
C ALA A 303 11.38 10.92 14.92
N ILE A 304 10.51 11.59 15.69
CA ILE A 304 9.16 11.98 15.25
C ILE A 304 9.23 12.88 14.00
N LEU A 305 10.13 13.87 14.03
CA LEU A 305 10.30 14.82 12.92
C LEU A 305 10.82 14.10 11.66
N ASN A 306 11.68 13.08 11.84
CA ASN A 306 12.24 12.33 10.71
C ASN A 306 11.22 11.28 10.19
N ILE A 307 10.36 10.68 11.06
CA ILE A 307 9.31 9.74 10.61
C ILE A 307 8.26 10.54 9.81
N ARG A 308 7.90 11.74 10.30
CA ARG A 308 6.93 12.66 9.67
C ARG A 308 7.40 13.03 8.27
N GLN A 309 8.68 13.40 8.14
CA GLN A 309 9.28 13.74 6.85
C GLN A 309 9.32 12.51 5.96
N PHE A 310 9.76 11.35 6.51
CA PHE A 310 9.84 10.09 5.76
C PHE A 310 8.47 9.66 5.23
N GLN A 311 7.44 9.70 6.09
CA GLN A 311 6.09 9.31 5.73
C GLN A 311 5.53 10.21 4.64
N GLY A 312 5.70 11.53 4.77
CA GLY A 312 5.25 12.48 3.77
C GLY A 312 5.88 12.23 2.41
N THR A 313 7.20 11.98 2.40
CA THR A 313 7.96 11.68 1.17
C THR A 313 7.49 10.38 0.49
N GLN A 314 7.28 9.32 1.29
CA GLN A 314 6.81 8.03 0.77
C GLN A 314 5.41 8.14 0.19
N LYS A 315 4.54 8.88 0.87
CA LYS A 315 3.16 9.05 0.45
C LYS A 315 3.02 9.99 -0.77
N LEU A 316 3.89 11.03 -0.94
CA LEU A 316 3.79 11.91 -2.12
C LEU A 316 4.30 11.18 -3.35
N ALA A 317 5.43 10.45 -3.23
CA ALA A 317 5.98 9.65 -4.33
C ALA A 317 4.96 8.58 -4.78
N GLN A 318 4.29 7.93 -3.82
CA GLN A 318 3.22 6.94 -4.11
C GLN A 318 2.04 7.61 -4.85
N ALA A 319 1.55 8.75 -4.34
CA ALA A 319 0.46 9.51 -4.94
C ALA A 319 0.82 9.98 -6.37
N ALA A 320 2.08 10.41 -6.58
CA ALA A 320 2.55 10.80 -7.92
C ALA A 320 2.46 9.64 -8.90
N LEU A 321 2.93 8.44 -8.49
CA LEU A 321 2.87 7.23 -9.32
C LEU A 321 1.43 6.80 -9.59
N LEU A 322 0.55 6.82 -8.59
CA LEU A 322 -0.86 6.44 -8.77
C LEU A 322 -1.62 7.49 -9.61
N TYR A 323 -1.21 8.78 -9.51
CA TYR A 323 -1.80 9.85 -10.32
C TYR A 323 -1.48 9.61 -11.80
N MET A 324 -0.21 9.32 -12.12
CA MET A 324 0.22 9.05 -13.50
C MET A 324 -0.46 7.78 -14.06
N GLY A 325 -0.60 6.75 -13.22
CA GLY A 325 -1.25 5.51 -13.59
C GLY A 325 -2.72 5.71 -13.93
N SER A 326 -3.44 6.42 -13.06
CA SER A 326 -4.85 6.74 -13.24
C SER A 326 -5.09 7.60 -14.48
N LYS A 327 -4.18 8.52 -14.81
CA LYS A 327 -4.29 9.34 -16.02
C LYS A 327 -4.13 8.46 -17.28
N LEU A 328 -3.23 7.45 -17.23
CA LEU A 328 -3.06 6.53 -18.37
C LEU A 328 -4.26 5.59 -18.47
N THR A 329 -4.72 5.03 -17.33
CA THR A 329 -5.89 4.14 -17.28
C THR A 329 -7.12 4.88 -17.79
N SER A 330 -7.29 6.16 -17.37
CA SER A 330 -8.38 7.04 -17.82
C SER A 330 -8.36 7.30 -19.31
N GLN A 331 -7.18 7.56 -19.91
CA GLN A 331 -7.08 7.81 -21.35
C GLN A 331 -7.48 6.59 -22.17
N ASP A 332 -7.04 5.37 -21.75
CA ASP A 332 -7.39 4.10 -22.40
C ASP A 332 -8.90 3.84 -22.28
N GLU A 333 -9.44 3.94 -21.06
CA GLU A 333 -10.86 3.69 -20.79
C GLU A 333 -11.77 4.74 -21.44
N THR A 334 -11.33 6.01 -21.56
CA THR A 334 -12.12 7.07 -22.19
C THR A 334 -12.33 6.74 -23.67
N LYS A 335 -11.23 6.45 -24.39
CA LYS A 335 -11.28 6.15 -25.82
C LYS A 335 -12.01 4.82 -26.10
N GLU A 336 -11.85 3.82 -25.21
CA GLU A 336 -12.52 2.52 -25.36
C GLU A 336 -14.04 2.66 -25.14
N LEU A 337 -14.45 3.45 -24.15
CA LEU A 337 -15.87 3.67 -23.87
C LEU A 337 -16.53 4.49 -24.99
N THR A 338 -15.79 5.43 -25.60
CA THR A 338 -16.29 6.25 -26.71
C THR A 338 -16.57 5.37 -27.94
N ALA A 339 -15.71 4.36 -28.22
CA ALA A 339 -15.87 3.43 -29.35
C ALA A 339 -17.08 2.50 -29.14
N ILE A 340 -17.35 2.11 -27.88
CA ILE A 340 -18.50 1.25 -27.52
C ILE A 340 -19.81 2.03 -27.77
N PHE A 341 -19.87 3.31 -27.32
CA PHE A 341 -21.08 4.13 -27.50
C PHE A 341 -21.24 4.57 -28.97
N HIS A 342 -20.14 4.62 -29.75
CA HIS A 342 -20.22 4.96 -31.17
C HIS A 342 -20.88 3.81 -31.94
N LYS A 343 -20.44 2.56 -31.69
CA LYS A 343 -21.01 1.37 -32.33
C LYS A 343 -22.48 1.16 -31.92
N MET A 344 -22.84 1.49 -30.65
CA MET A 344 -24.22 1.36 -30.15
C MET A 344 -25.17 2.43 -30.70
N ASP A 345 -24.65 3.59 -31.15
CA ASP A 345 -25.48 4.68 -31.67
C ASP A 345 -25.96 4.34 -33.08
N ASN A 347 -28.62 6.02 -33.54
CA ASN A 347 -28.89 6.30 -34.95
C ASN A 347 -27.73 7.04 -35.64
N GLY A 348 -27.16 8.02 -34.95
CA GLY A 348 -26.09 8.86 -35.48
C GLY A 348 -26.02 10.27 -34.89
N ASP A 349 -27.12 10.77 -34.29
CA ASP A 349 -27.18 12.10 -33.66
C ASP A 349 -26.24 12.23 -32.44
N GLY A 350 -25.85 11.11 -31.83
CA GLY A 350 -24.94 11.09 -30.69
C GLY A 350 -25.62 10.95 -29.32
N GLN A 351 -26.92 10.57 -29.29
CA GLN A 351 -27.68 10.40 -28.06
C GLN A 351 -27.93 8.92 -27.78
N LEU A 352 -28.02 8.55 -26.50
CA LEU A 352 -28.28 7.16 -26.07
C LEU A 352 -29.17 7.14 -24.82
N ASP A 353 -29.87 6.01 -24.60
CA ASP A 353 -30.77 5.83 -23.46
C ASP A 353 -30.01 5.23 -22.26
N ARG A 354 -30.60 5.33 -21.05
CA ARG A 354 -30.04 4.79 -19.80
C ARG A 354 -29.65 3.32 -19.93
N ALA A 355 -30.58 2.49 -20.46
CA ALA A 355 -30.36 1.05 -20.66
C ALA A 355 -29.16 0.77 -21.57
N GLU A 356 -28.98 1.58 -22.63
CA GLU A 356 -27.85 1.44 -23.55
C GLU A 356 -26.54 1.85 -22.88
N LEU A 357 -26.54 2.94 -22.08
CA LEU A 357 -25.35 3.41 -21.38
C LEU A 357 -24.87 2.35 -20.37
N ILE A 358 -25.79 1.68 -19.64
CA ILE A 358 -25.44 0.63 -18.68
C ILE A 358 -24.82 -0.56 -19.41
N GLU A 359 -25.39 -0.96 -20.57
CA GLU A 359 -24.88 -2.08 -21.39
C GLU A 359 -23.46 -1.78 -21.91
N GLY A 360 -23.26 -0.56 -22.41
CA GLY A 360 -21.96 -0.11 -22.89
C GLY A 360 -20.93 0.00 -21.78
N TYR A 361 -21.36 0.42 -20.58
CA TYR A 361 -20.50 0.52 -19.41
C TYR A 361 -20.12 -0.90 -18.93
N LYS A 362 -21.11 -1.82 -18.88
CA LYS A 362 -20.88 -3.23 -18.48
C LYS A 362 -19.95 -3.93 -19.49
N GLU A 363 -20.02 -3.54 -20.78
CA GLU A 363 -19.17 -4.11 -21.84
C GLU A 363 -17.72 -3.66 -21.65
N LEU A 364 -17.49 -2.44 -21.11
CA LEU A 364 -16.14 -1.94 -20.83
C LEU A 364 -15.43 -2.82 -19.78
N MET A 365 -16.19 -3.34 -18.79
CA MET A 365 -15.63 -4.25 -17.79
C MET A 365 -15.48 -5.66 -18.36
N ARG A 366 -16.41 -6.11 -19.22
CA ARG A 366 -16.29 -7.43 -19.85
C ARG A 366 -15.03 -7.49 -20.74
N MET A 367 -14.66 -6.35 -21.39
CA MET A 367 -13.48 -6.27 -22.26
C MET A 367 -12.18 -5.96 -21.48
N LYS A 368 -12.24 -5.11 -20.43
CA LYS A 368 -11.05 -4.71 -19.66
C LYS A 368 -11.11 -5.16 -18.17
N GLY A 369 -11.78 -6.27 -17.88
CA GLY A 369 -11.87 -6.83 -16.53
C GLY A 369 -12.78 -6.07 -15.58
N GLN A 370 -13.38 -6.78 -14.62
CA GLN A 370 -14.29 -6.19 -13.62
C GLN A 370 -13.53 -5.22 -12.68
N ASP A 371 -14.14 -4.06 -12.41
CA ASP A 371 -13.52 -3.05 -11.54
C ASP A 371 -13.69 -3.49 -10.09
N ALA A 372 -12.77 -3.06 -9.22
CA ALA A 372 -12.81 -3.40 -7.80
C ALA A 372 -13.99 -2.70 -7.10
N SER A 373 -14.26 -1.43 -7.45
CA SER A 373 -15.36 -0.64 -6.87
C SER A 373 -16.75 -1.23 -7.19
N MET A 374 -16.94 -1.80 -8.40
CA MET A 374 -18.23 -2.38 -8.83
C MET A 374 -18.15 -3.91 -8.85
N LEU A 375 -18.76 -4.55 -7.84
CA LEU A 375 -18.73 -6.02 -7.66
C LEU A 375 -19.71 -6.75 -8.57
N ASP A 376 -20.89 -6.16 -8.88
CA ASP A 376 -21.90 -6.82 -9.73
C ASP A 376 -22.64 -5.80 -10.62
N ALA A 377 -23.58 -6.30 -11.46
CA ALA A 377 -24.40 -5.47 -12.37
C ALA A 377 -25.16 -4.35 -11.65
N SER A 378 -25.61 -4.60 -10.40
CA SER A 378 -26.31 -3.61 -9.58
C SER A 378 -25.39 -2.41 -9.24
N ALA A 379 -24.09 -2.68 -8.98
CA ALA A 379 -23.10 -1.63 -8.70
C ALA A 379 -22.86 -0.75 -9.92
N VAL A 380 -22.90 -1.36 -11.12
CA VAL A 380 -22.72 -0.66 -12.40
C VAL A 380 -23.98 0.17 -12.66
N GLU A 381 -25.17 -0.40 -12.44
CA GLU A 381 -26.45 0.30 -12.63
C GLU A 381 -26.52 1.57 -11.78
N HIS A 382 -26.08 1.50 -10.51
CA HIS A 382 -26.08 2.65 -9.63
C HIS A 382 -24.96 3.64 -9.99
N GLU A 383 -23.81 3.17 -10.51
CA GLU A 383 -22.73 4.06 -10.92
C GLU A 383 -23.17 4.92 -12.13
N VAL A 384 -23.97 4.34 -13.05
CA VAL A 384 -24.51 5.06 -14.21
C VAL A 384 -25.55 6.08 -13.71
N ASP A 385 -26.38 5.71 -12.71
CA ASP A 385 -27.38 6.61 -12.12
C ASP A 385 -26.72 7.83 -11.46
N GLN A 386 -25.55 7.65 -10.81
CA GLN A 386 -24.83 8.78 -10.18
C GLN A 386 -24.26 9.75 -11.23
N VAL A 387 -23.81 9.23 -12.40
CA VAL A 387 -23.29 10.07 -13.48
C VAL A 387 -24.44 10.85 -14.13
N LEU A 388 -25.57 10.17 -14.42
CA LEU A 388 -26.74 10.78 -15.05
C LEU A 388 -27.43 11.81 -14.12
N ASP A 389 -27.16 11.78 -12.80
CA ASP A 389 -27.70 12.79 -11.88
C ASP A 389 -27.03 14.15 -12.20
N ALA A 390 -25.72 14.13 -12.52
CA ALA A 390 -24.97 15.32 -12.93
C ALA A 390 -25.27 15.63 -14.39
N VAL A 391 -25.07 14.64 -15.27
CA VAL A 391 -25.31 14.75 -16.72
C VAL A 391 -26.71 14.26 -17.05
N TYR A 398 -32.71 10.27 -23.76
CA TYR A 398 -31.70 10.60 -24.77
C TYR A 398 -30.75 11.69 -24.23
N ILE A 399 -29.51 11.31 -23.92
CA ILE A 399 -28.46 12.22 -23.41
C ILE A 399 -27.18 12.05 -24.23
N GLU A 400 -26.42 13.15 -24.39
CA GLU A 400 -25.16 13.16 -25.17
C GLU A 400 -24.14 12.22 -24.50
N TYR A 401 -23.75 11.12 -25.18
CA TYR A 401 -22.84 10.13 -24.60
C TYR A 401 -21.41 10.71 -24.46
N SER A 402 -21.01 11.69 -25.30
CA SER A 402 -19.69 12.32 -25.20
C SER A 402 -19.57 13.05 -23.85
N GLU A 403 -20.68 13.66 -23.38
CA GLU A 403 -20.73 14.36 -22.09
C GLU A 403 -20.68 13.35 -20.94
N PHE A 404 -21.42 12.22 -21.06
CA PHE A 404 -21.47 11.15 -20.05
C PHE A 404 -20.07 10.55 -19.78
N VAL A 405 -19.26 10.32 -20.84
CA VAL A 405 -17.93 9.73 -20.72
C VAL A 405 -17.03 10.68 -19.89
N THR A 406 -17.01 11.98 -20.24
CA THR A 406 -16.21 13.01 -19.55
C THR A 406 -16.45 12.96 -18.03
N VAL A 407 -17.71 12.95 -17.59
CA VAL A 407 -18.06 12.93 -16.17
C VAL A 407 -17.68 11.57 -15.53
N ALA A 408 -18.13 10.46 -16.13
CA ALA A 408 -17.87 9.10 -15.64
C ALA A 408 -16.38 8.78 -15.47
N MET A 409 -15.53 9.26 -16.39
CA MET A 409 -14.09 9.00 -16.34
C MET A 409 -13.40 9.90 -15.30
N ASP A 410 -13.90 11.13 -15.07
CA ASP A 410 -13.36 12.01 -14.02
C ASP A 410 -13.69 11.45 -12.61
N ARG A 411 -14.78 10.69 -12.47
CA ARG A 411 -15.15 10.05 -11.19
C ARG A 411 -14.20 8.89 -10.86
N LYS A 412 -13.65 8.22 -11.88
CA LYS A 412 -12.69 7.12 -11.69
C LYS A 412 -11.35 7.67 -11.17
N THR A 413 -10.93 8.87 -11.63
CA THR A 413 -9.67 9.49 -11.22
C THR A 413 -9.80 10.36 -9.96
N LEU A 414 -11.02 10.82 -9.60
CA LEU A 414 -11.29 11.71 -8.44
C LEU A 414 -10.41 11.42 -7.21
N LEU A 415 -10.28 10.13 -6.83
CA LEU A 415 -9.48 9.73 -5.66
C LEU A 415 -7.98 9.95 -5.90
N SER A 416 -7.47 9.66 -7.11
CA SER A 416 -6.03 9.82 -7.41
C SER A 416 -5.61 11.31 -7.53
N ARG A 417 -6.49 12.20 -8.05
CA ARG A 417 -6.18 13.63 -8.22
C ARG A 417 -6.20 14.36 -6.86
N GLU A 418 -7.23 14.07 -6.02
CA GLU A 418 -7.38 14.70 -4.70
C GLU A 418 -6.32 14.20 -3.73
N ARG A 419 -5.95 12.89 -3.81
CA ARG A 419 -4.92 12.31 -2.94
C ARG A 419 -3.55 12.93 -3.25
N LEU A 420 -3.27 13.29 -4.52
CA LEU A 420 -2.02 13.94 -4.92
C LEU A 420 -1.90 15.31 -4.26
N GLU A 421 -2.94 16.15 -4.35
CA GLU A 421 -2.91 17.48 -3.75
C GLU A 421 -2.77 17.35 -2.24
N ARG A 422 -3.56 16.46 -1.62
CA ARG A 422 -3.47 16.20 -0.18
C ARG A 422 -2.04 15.80 0.21
N ALA A 423 -1.44 14.87 -0.56
CA ALA A 423 -0.07 14.40 -0.29
C ALA A 423 0.96 15.51 -0.52
N PHE A 424 0.76 16.40 -1.51
CA PHE A 424 1.66 17.53 -1.77
C PHE A 424 1.58 18.54 -0.61
N ARG A 425 0.36 18.84 -0.14
CA ARG A 425 0.11 19.77 0.97
C ARG A 425 0.68 19.21 2.29
N MET A 426 0.55 17.89 2.54
CA MET A 426 1.09 17.26 3.75
C MET A 426 2.63 17.30 3.72
N PHE A 427 3.24 16.97 2.57
CA PHE A 427 4.68 17.01 2.37
C PHE A 427 5.23 18.43 2.58
N ASP A 428 4.48 19.44 2.10
CA ASP A 428 4.83 20.84 2.27
C ASP A 428 4.48 21.22 3.72
N SER A 429 5.32 20.73 4.67
CA SER A 429 5.14 20.87 6.11
C SER A 429 5.19 22.34 6.57
N ASP A 430 6.01 23.19 5.94
CA ASP A 430 6.12 24.62 6.30
C ASP A 430 5.05 25.51 5.60
N ASN A 431 4.15 24.92 4.77
CA ASN A 431 3.08 25.60 4.04
C ASN A 431 3.62 26.76 3.17
N SER A 432 4.80 26.56 2.57
CA SER A 432 5.42 27.55 1.69
C SER A 432 4.72 27.59 0.32
N GLY A 433 4.00 26.51 -0.02
CA GLY A 433 3.29 26.37 -1.28
C GLY A 433 4.14 25.75 -2.38
N LYS A 434 5.44 25.57 -2.12
CA LYS A 434 6.37 25.01 -3.10
C LYS A 434 7.28 23.94 -2.50
N ILE A 435 7.95 23.16 -3.37
CA ILE A 435 8.96 22.17 -2.99
C ILE A 435 10.24 22.46 -3.79
N SER A 436 11.40 22.41 -3.12
CA SER A 436 12.69 22.71 -3.74
C SER A 436 13.09 21.61 -4.72
N SER A 437 14.11 21.90 -5.54
CA SER A 437 14.68 20.95 -6.50
C SER A 437 15.28 19.75 -5.77
N THR A 438 15.85 19.98 -4.57
CA THR A 438 16.43 18.93 -3.71
C THR A 438 15.33 17.95 -3.27
N GLU A 439 14.17 18.48 -2.88
CA GLU A 439 13.00 17.67 -2.51
C GLU A 439 12.45 16.94 -3.73
N LEU A 440 12.45 17.58 -4.92
CA LEU A 440 11.99 16.92 -6.15
C LEU A 440 12.87 15.73 -6.47
N ALA A 441 14.20 15.85 -6.30
CA ALA A 441 15.15 14.75 -6.54
C ALA A 441 14.89 13.59 -5.59
N THR A 442 14.61 13.89 -4.31
CA THR A 442 14.28 12.89 -3.29
C THR A 442 12.94 12.21 -3.62
N ILE A 443 11.91 12.99 -4.01
CA ILE A 443 10.59 12.44 -4.37
C ILE A 443 10.71 11.56 -5.62
N PHE A 444 11.29 12.13 -6.71
CA PHE A 444 11.44 11.39 -7.98
C PHE A 444 12.42 10.22 -7.85
N GLY A 445 13.32 10.29 -6.86
CA GLY A 445 14.25 9.20 -6.55
C GLY A 445 13.52 8.00 -5.96
N VAL A 446 12.63 8.25 -4.99
CA VAL A 446 11.80 7.20 -4.37
C VAL A 446 10.74 6.67 -5.41
N SER A 447 10.40 7.47 -6.44
CA SER A 447 9.48 7.06 -7.51
C SER A 447 10.20 6.38 -8.70
N ASP A 448 11.54 6.25 -8.66
CA ASP A 448 12.40 5.67 -9.69
C ASP A 448 12.27 6.41 -11.04
N VAL A 449 12.01 7.73 -11.00
CA VAL A 449 11.94 8.56 -12.19
C VAL A 449 13.36 9.10 -12.42
N ASP A 450 13.90 8.89 -13.64
CA ASP A 450 15.26 9.27 -14.02
C ASP A 450 15.51 10.78 -13.83
N SER A 451 16.64 11.14 -13.21
CA SER A 451 17.04 12.53 -12.91
C SER A 451 17.08 13.42 -14.15
N GLU A 452 17.63 12.92 -15.27
CA GLU A 452 17.72 13.71 -16.52
C GLU A 452 16.34 13.88 -17.16
N THR A 453 15.42 12.92 -16.95
CA THR A 453 14.09 12.96 -17.55
C THR A 453 13.21 14.02 -16.85
N TRP A 454 13.15 14.04 -15.50
CA TRP A 454 12.32 15.03 -14.82
C TRP A 454 12.95 16.42 -14.92
N LYS A 455 14.30 16.55 -14.92
CA LYS A 455 14.95 17.85 -15.07
C LYS A 455 14.60 18.46 -16.45
N SER A 456 14.47 17.63 -17.50
CA SER A 456 14.07 18.11 -18.83
C SER A 456 12.58 18.49 -18.84
N VAL A 457 11.75 17.75 -18.07
CA VAL A 457 10.30 17.98 -17.98
C VAL A 457 9.97 19.35 -17.33
N LEU A 458 10.68 19.77 -16.26
CA LEU A 458 10.38 21.06 -15.62
C LEU A 458 10.66 22.27 -16.56
N SER A 459 11.63 22.16 -17.49
CA SER A 459 12.01 23.25 -18.39
C SER A 459 10.90 23.60 -19.38
N GLU A 460 10.11 22.61 -19.81
CA GLU A 460 9.01 22.84 -20.75
C GLU A 460 7.81 23.50 -20.04
N VAL A 461 7.48 23.07 -18.79
CA VAL A 461 6.35 23.63 -18.04
C VAL A 461 6.74 24.99 -17.43
N ASP A 462 7.96 25.13 -16.89
CA ASP A 462 8.47 26.36 -16.28
C ASP A 462 9.90 26.65 -16.78
N LYS A 463 10.01 27.48 -17.82
CA LYS A 463 11.31 27.83 -18.43
C LYS A 463 12.13 28.74 -17.49
N ASN A 464 11.53 29.82 -16.97
CA ASN A 464 12.20 30.78 -16.08
C ASN A 464 11.53 30.76 -14.70
N ASP A 466 12.61 28.87 -11.22
CA ASP A 466 13.88 28.16 -11.18
C ASP A 466 14.28 27.82 -9.72
N GLY A 467 14.46 26.52 -9.45
CA GLY A 467 14.83 26.02 -8.13
C GLY A 467 13.70 25.37 -7.36
N GLU A 468 12.45 25.78 -7.62
CA GLU A 468 11.30 25.23 -6.91
C GLU A 468 10.04 25.25 -7.78
N VAL A 469 9.04 24.43 -7.39
CA VAL A 469 7.76 24.29 -8.10
C VAL A 469 6.59 24.35 -7.12
N ASP A 470 5.45 24.89 -7.57
CA ASP A 470 4.19 24.91 -6.81
C ASP A 470 3.41 23.65 -7.20
N PHE A 471 2.23 23.41 -6.60
CA PHE A 471 1.46 22.18 -6.87
C PHE A 471 1.08 22.04 -8.36
N ASP A 472 0.61 23.13 -8.98
CA ASP A 472 0.20 23.15 -10.39
C ASP A 472 1.37 22.74 -11.30
N GLU A 473 2.56 23.29 -11.05
CA GLU A 473 3.75 22.98 -11.84
C GLU A 473 4.19 21.52 -11.64
N PHE A 474 4.12 21.03 -10.38
CA PHE A 474 4.45 19.65 -10.05
C PHE A 474 3.48 18.70 -10.77
N GLN A 475 2.17 19.00 -10.73
CA GLN A 475 1.15 18.21 -11.42
C GLN A 475 1.42 18.22 -12.94
N GLN A 476 1.76 19.41 -13.49
CA GLN A 476 2.09 19.54 -14.92
C GLN A 476 3.31 18.68 -15.27
N MET A 477 4.32 18.60 -14.38
CA MET A 477 5.51 17.76 -14.59
C MET A 477 5.12 16.28 -14.68
N LEU A 478 4.25 15.80 -13.77
CA LEU A 478 3.77 14.41 -13.76
C LEU A 478 2.95 14.09 -15.01
N LEU A 479 2.13 15.06 -15.47
CA LEU A 479 1.34 14.89 -16.69
C LEU A 479 2.26 14.70 -17.89
N LYS A 480 3.36 15.47 -17.99
CA LYS A 480 4.31 15.34 -19.09
C LYS A 480 5.10 14.03 -19.00
N LEU A 481 5.29 13.49 -17.79
CA LEU A 481 6.00 12.23 -17.58
C LEU A 481 5.12 11.01 -17.95
N CYS A 482 3.81 11.18 -18.26
CA CYS A 482 2.94 10.06 -18.66
C CYS A 482 2.23 10.39 -19.99
N GLY A 483 2.93 11.05 -20.90
CA GLY A 483 2.45 11.37 -22.24
C GLY A 483 1.31 12.36 -22.35
N ASN A 484 1.36 13.46 -21.58
CA ASN A 484 0.35 14.52 -21.65
C ASN A 484 1.05 15.89 -21.59
#